data_2PZ1
#
_entry.id   2PZ1
#
_cell.length_a   100.418
_cell.length_b   79.883
_cell.length_c   67.407
_cell.angle_alpha   90.00
_cell.angle_beta   122.99
_cell.angle_gamma   90.00
#
_symmetry.space_group_name_H-M   'C 1 2 1'
#
loop_
_entity.id
_entity.type
_entity.pdbx_description
1 polymer 'Rho guanine nucleotide exchange factor 4'
2 water water
#
_entity_poly.entity_id   1
_entity_poly.type   'polypeptide(L)'
_entity_poly.pdbx_seq_one_letter_code
;GAMSSSHHYSHPGGGGEQLAINELISDGSVVCAEALWDHVTMDDQELGFKAGDVIEVMDATNREWWWGRVADGEGWFPAS
FVRLRVNQDEPADDDAPLAGNSGAEDGGAEAQSSKDQMRTNVINEILSTERDYIKHLRDICEGYVRQCRKRADMFSEEQL
RTIFGNIEDIYRCQKAFVKALEQRFNRERPHLSELGACFLEHQADFQIYSEYCNNHPNACVELSRLTKLSKYVYFFEACR
LLQKMIDISLDGFLLTPVQKICKYPLQLAELLKYTHPQHRDFKDVEAALHAMKNVAQLINERKRRLENIDKIAQWQSSIE
DWEGEDLLVRSSELIYSGELTRVTQPQAKSQQRMFFLFDHQLIYCKKDLLRRDVLYYKGRLDMDGLEVVDLEDGKDRDLH
VSIKNAFRLHRGATGDSHLLCTRKPEQKQRWLKAFAREREQVQLDQETGFSITELQRKQAMLNASK
;
_entity_poly.pdbx_strand_id   A
#
# COMPACT_ATOMS: atom_id res chain seq x y z
N GLY A 15 -4.74 9.87 24.65
CA GLY A 15 -3.59 10.54 25.31
C GLY A 15 -3.16 9.78 26.55
N GLY A 16 -1.85 9.76 26.80
CA GLY A 16 -1.31 9.07 27.98
C GLY A 16 -0.16 8.14 27.62
N GLU A 17 -0.02 7.06 28.38
CA GLU A 17 1.02 6.07 28.13
C GLU A 17 0.46 4.84 27.42
N GLN A 18 1.12 4.46 26.32
CA GLN A 18 0.57 3.48 25.37
C GLN A 18 0.58 2.03 25.82
N LEU A 19 -0.21 1.21 25.14
CA LEU A 19 -0.26 -0.24 25.35
C LEU A 19 0.23 -0.96 24.09
N ALA A 20 0.46 -2.26 24.22
CA ALA A 20 0.88 -3.09 23.08
C ALA A 20 -0.34 -3.52 22.26
N ILE A 21 -0.16 -3.70 20.96
CA ILE A 21 -1.29 -3.92 20.04
C ILE A 21 -2.12 -5.18 20.32
N ASN A 22 -1.47 -6.26 20.63
CA ASN A 22 -2.17 -7.49 20.89
C ASN A 22 -2.94 -7.53 22.21
N GLU A 23 -2.53 -6.69 23.13
CA GLU A 23 -3.24 -6.61 24.40
C GLU A 23 -4.50 -5.78 24.24
N LEU A 24 -4.46 -4.83 23.29
CA LEU A 24 -5.64 -4.04 22.97
C LEU A 24 -6.68 -4.93 22.27
N ILE A 25 -6.20 -5.69 21.30
CA ILE A 25 -7.06 -6.61 20.54
C ILE A 25 -7.54 -7.75 21.43
N SER A 26 -6.83 -7.99 22.53
CA SER A 26 -7.21 -9.00 23.51
C SER A 26 -8.26 -8.45 24.48
N ASP A 27 -8.40 -7.13 24.50
CA ASP A 27 -9.35 -6.46 25.37
C ASP A 27 -10.71 -6.31 24.68
N GLY A 28 -10.68 -6.33 23.35
CA GLY A 28 -11.86 -6.03 22.56
C GLY A 28 -11.79 -4.58 22.11
N SER A 29 -10.69 -3.92 22.44
CA SER A 29 -10.47 -2.54 22.05
C SER A 29 -10.31 -2.40 20.54
N VAL A 30 -10.58 -1.21 20.02
CA VAL A 30 -10.47 -0.93 18.60
C VAL A 30 -9.14 -0.28 18.28
N VAL A 31 -8.38 -0.90 17.38
CA VAL A 31 -7.10 -0.32 16.98
C VAL A 31 -7.08 0.06 15.50
N CYS A 32 -6.88 1.35 15.25
CA CYS A 32 -6.92 1.91 13.91
C CYS A 32 -5.53 2.26 13.40
N ALA A 33 -5.35 2.08 12.10
CA ALA A 33 -4.11 2.37 11.43
C ALA A 33 -4.46 3.01 10.11
N GLU A 34 -3.44 3.52 9.41
CA GLU A 34 -3.65 4.13 8.11
C GLU A 34 -2.59 3.65 7.16
N ALA A 35 -2.99 3.42 5.91
CA ALA A 35 -2.09 2.96 4.86
C ALA A 35 -1.11 4.07 4.47
N LEU A 36 0.17 3.73 4.39
CA LEU A 36 1.17 4.67 3.89
C LEU A 36 1.48 4.30 2.44
N TRP A 37 1.17 3.06 2.09
CA TRP A 37 1.23 2.61 0.71
C TRP A 37 -0.10 1.98 0.28
N ASP A 38 -0.35 1.99 -1.03
CA ASP A 38 -1.43 1.19 -1.58
C ASP A 38 -1.09 -0.28 -1.39
N HIS A 39 -2.11 -1.09 -1.17
CA HIS A 39 -1.91 -2.51 -1.19
C HIS A 39 -2.74 -3.12 -2.32
N VAL A 40 -2.05 -3.63 -3.33
CA VAL A 40 -2.69 -4.17 -4.51
C VAL A 40 -2.80 -5.69 -4.37
N THR A 41 -3.96 -6.24 -4.63
CA THR A 41 -4.15 -7.67 -4.44
C THR A 41 -5.37 -8.19 -5.20
N MET A 42 -5.26 -9.40 -5.72
CA MET A 42 -6.38 -10.08 -6.35
C MET A 42 -6.89 -11.23 -5.48
N ASP A 43 -6.19 -11.49 -4.38
CA ASP A 43 -6.60 -12.56 -3.46
C ASP A 43 -7.81 -12.12 -2.63
N ASP A 44 -8.88 -12.92 -2.67
CA ASP A 44 -10.13 -12.55 -2.00
C ASP A 44 -10.07 -12.67 -0.46
N GLN A 45 -8.99 -13.24 0.05
CA GLN A 45 -8.78 -13.34 1.49
C GLN A 45 -7.87 -12.24 2.00
N GLU A 46 -7.37 -11.42 1.07
CA GLU A 46 -6.50 -10.30 1.43
C GLU A 46 -7.24 -8.98 1.26
N LEU A 47 -6.79 -7.96 1.98
CA LEU A 47 -7.42 -6.65 1.97
C LEU A 47 -6.59 -5.68 1.14
N GLY A 48 -7.17 -5.18 0.06
CA GLY A 48 -6.52 -4.20 -0.76
C GLY A 48 -6.98 -2.84 -0.29
N PHE A 49 -6.09 -1.85 -0.40
CA PHE A 49 -6.42 -0.49 -0.01
C PHE A 49 -5.51 0.52 -0.72
N LYS A 50 -5.85 1.80 -0.58
CA LYS A 50 -5.04 2.91 -1.10
C LYS A 50 -4.35 3.64 0.05
N ALA A 51 -3.21 4.28 -0.24
CA ALA A 51 -2.53 5.10 0.74
C ALA A 51 -3.51 6.11 1.32
N GLY A 52 -3.52 6.23 2.64
CA GLY A 52 -4.40 7.18 3.30
C GLY A 52 -5.63 6.55 3.90
N ASP A 53 -5.96 5.33 3.47
CA ASP A 53 -7.16 4.66 3.96
C ASP A 53 -7.02 4.28 5.44
N VAL A 54 -8.13 4.35 6.16
CA VAL A 54 -8.19 3.93 7.55
C VAL A 54 -8.54 2.44 7.61
N ILE A 55 -7.79 1.71 8.43
CA ILE A 55 -7.96 0.27 8.56
C ILE A 55 -8.12 -0.07 10.03
N GLU A 56 -9.14 -0.83 10.38
CA GLU A 56 -9.21 -1.38 11.73
C GLU A 56 -8.46 -2.72 11.77
N VAL A 57 -7.50 -2.84 12.68
CA VAL A 57 -6.73 -4.06 12.82
C VAL A 57 -7.39 -4.99 13.83
N MET A 58 -7.72 -6.20 13.39
CA MET A 58 -8.46 -7.15 14.22
C MET A 58 -7.52 -8.20 14.79
N ASP A 59 -6.53 -8.59 14.01
CA ASP A 59 -5.65 -9.66 14.44
C ASP A 59 -4.22 -9.35 14.07
N ALA A 60 -3.37 -9.27 15.08
CA ALA A 60 -1.94 -9.03 14.87
C ALA A 60 -1.08 -10.19 15.40
N THR A 61 -1.61 -11.41 15.32
CA THR A 61 -0.88 -12.61 15.77
C THR A 61 0.42 -12.76 14.97
N ASN A 62 0.34 -12.49 13.67
CA ASN A 62 1.48 -12.60 12.79
C ASN A 62 2.38 -11.38 12.89
N ARG A 63 3.66 -11.60 12.62
CA ARG A 63 4.65 -10.56 12.53
C ARG A 63 4.23 -9.54 11.48
N GLU A 64 3.85 -10.04 10.31
CA GLU A 64 3.61 -9.17 9.17
C GLU A 64 2.16 -9.20 8.66
N TRP A 65 1.59 -10.40 8.50
CA TRP A 65 0.28 -10.50 7.86
C TRP A 65 -0.86 -10.43 8.85
N TRP A 66 -1.44 -9.24 8.95
CA TRP A 66 -2.48 -8.99 9.94
C TRP A 66 -3.83 -9.10 9.28
N TRP A 67 -4.85 -9.28 10.09
CA TRP A 67 -6.21 -9.28 9.60
C TRP A 67 -6.79 -7.92 9.91
N GLY A 68 -7.38 -7.29 8.91
CA GLY A 68 -7.91 -5.97 9.08
C GLY A 68 -9.29 -5.81 8.49
N ARG A 69 -9.93 -4.68 8.79
CA ARG A 69 -11.26 -4.40 8.32
C ARG A 69 -11.37 -3.00 7.71
N VAL A 70 -12.05 -2.93 6.58
CA VAL A 70 -12.48 -1.66 6.02
C VAL A 70 -14.01 -1.66 6.02
N ALA A 71 -14.63 -0.52 5.80
CA ALA A 71 -16.06 -0.52 5.53
C ALA A 71 -16.20 -1.13 4.15
N ASP A 72 -16.78 -2.32 4.06
CA ASP A 72 -16.68 -3.19 2.88
C ASP A 72 -16.41 -4.62 3.33
N GLY A 73 -15.28 -4.78 4.03
CA GLY A 73 -14.69 -6.05 4.49
C GLY A 73 -13.28 -5.52 4.55
N GLU A 74 -12.22 -6.33 4.54
CA GLU A 74 -11.93 -7.48 5.39
C GLU A 74 -11.01 -8.53 4.77
N GLY A 75 -9.83 -8.71 5.38
CA GLY A 75 -8.83 -9.65 4.89
C GLY A 75 -7.41 -9.43 5.40
N TRP A 76 -6.50 -10.30 4.98
CA TRP A 76 -5.08 -10.21 5.35
C TRP A 76 -4.35 -9.06 4.63
N PHE A 77 -3.50 -8.33 5.35
CA PHE A 77 -2.71 -7.24 4.78
C PHE A 77 -1.35 -7.13 5.46
N PRO A 78 -0.35 -6.53 4.79
CA PRO A 78 0.97 -6.43 5.43
C PRO A 78 1.04 -5.26 6.42
N ALA A 79 1.45 -5.55 7.65
CA ALA A 79 1.58 -4.54 8.69
C ALA A 79 2.52 -3.39 8.30
N SER A 80 3.55 -3.71 7.52
CA SER A 80 4.57 -2.75 7.09
C SER A 80 4.07 -1.70 6.09
N PHE A 81 2.84 -1.88 5.60
CA PHE A 81 2.21 -0.94 4.66
C PHE A 81 1.41 0.12 5.39
N VAL A 82 1.50 0.11 6.72
CA VAL A 82 0.51 0.75 7.58
C VAL A 82 1.17 1.38 8.80
N ARG A 83 0.64 2.52 9.26
CA ARG A 83 1.10 3.14 10.50
C ARG A 83 -0.06 3.19 11.49
N LEU A 84 0.18 2.75 12.71
CA LEU A 84 -0.83 2.83 13.74
C LEU A 84 -1.00 4.28 14.17
N ARG A 85 -2.26 4.71 14.27
CA ARG A 85 -2.54 6.00 14.86
C ARG A 85 -1.91 6.03 16.24
N VAL A 86 -1.31 7.16 16.59
CA VAL A 86 -0.72 7.35 17.91
C VAL A 86 -1.80 7.38 19.00
N ASN A 87 -2.81 8.20 18.77
CA ASN A 87 -3.90 8.36 19.73
C ASN A 87 -5.09 7.52 19.26
N GLN A 88 -5.44 6.49 20.03
CA GLN A 88 -6.47 5.54 19.65
C GLN A 88 -7.82 5.92 20.21
N GLN A 112 -10.67 18.24 28.40
CA GLN A 112 -10.15 19.54 28.77
C GLN A 112 -8.62 19.56 28.74
N SER A 113 -8.06 20.38 27.86
CA SER A 113 -6.61 20.59 27.80
C SER A 113 -5.82 19.33 28.09
N SER A 114 -6.26 18.22 27.51
CA SER A 114 -5.53 16.95 27.51
C SER A 114 -5.35 16.61 26.04
N LYS A 115 -5.96 17.46 25.22
CA LYS A 115 -5.68 17.50 23.80
C LYS A 115 -4.23 17.93 23.63
N ASP A 116 -3.68 18.53 24.69
CA ASP A 116 -2.26 18.85 24.77
C ASP A 116 -1.44 17.56 24.88
N GLN A 117 -1.85 16.70 25.81
CA GLN A 117 -1.22 15.40 25.96
C GLN A 117 -1.24 14.62 24.65
N MET A 118 -2.37 14.70 23.93
CA MET A 118 -2.48 14.03 22.62
C MET A 118 -1.53 14.63 21.59
N ARG A 119 -1.33 15.96 21.63
CA ARG A 119 -0.36 16.57 20.74
C ARG A 119 1.06 16.11 21.07
N THR A 120 1.37 16.02 22.36
CA THR A 120 2.67 15.56 22.84
C THR A 120 2.98 14.14 22.39
N ASN A 121 1.99 13.26 22.47
CA ASN A 121 2.16 11.88 22.02
C ASN A 121 2.61 11.78 20.57
N VAL A 122 2.07 12.64 19.71
CA VAL A 122 2.41 12.60 18.29
C VAL A 122 3.80 13.19 18.07
N ILE A 123 4.11 14.26 18.81
CA ILE A 123 5.46 14.86 18.76
C ILE A 123 6.51 13.84 19.19
N ASN A 124 6.21 13.11 20.26
CA ASN A 124 7.10 12.07 20.76
C ASN A 124 7.28 10.92 19.77
N GLU A 125 6.21 10.51 19.09
CA GLU A 125 6.28 9.49 18.05
C GLU A 125 7.12 9.94 16.85
N ILE A 126 6.94 11.19 16.42
CA ILE A 126 7.75 11.71 15.33
C ILE A 126 9.22 11.69 15.72
N LEU A 127 9.50 12.10 16.95
CA LEU A 127 10.89 12.17 17.40
C LEU A 127 11.53 10.81 17.52
N SER A 128 10.83 9.84 18.07
CA SER A 128 11.43 8.51 18.27
C SER A 128 11.52 7.74 16.96
N THR A 129 10.50 7.91 16.13
CA THR A 129 10.53 7.42 14.75
C THR A 129 11.78 7.92 13.99
N GLU A 130 12.16 9.18 14.18
CA GLU A 130 13.38 9.73 13.57
C GLU A 130 14.63 9.11 14.14
N ARG A 131 14.65 8.93 15.46
CA ARG A 131 15.77 8.32 16.14
C ARG A 131 16.01 6.87 15.69
N ASP A 132 14.92 6.10 15.58
CA ASP A 132 15.00 4.71 15.09
C ASP A 132 15.51 4.66 13.66
N TYR A 133 14.91 5.48 12.81
CA TYR A 133 15.25 5.58 11.40
C TYR A 133 16.71 5.96 11.17
N ILE A 134 17.22 6.89 11.96
CA ILE A 134 18.64 7.26 11.92
C ILE A 134 19.56 6.07 12.22
N LYS A 135 19.18 5.23 13.18
CA LYS A 135 19.93 4.01 13.47
C LYS A 135 19.90 3.03 12.30
N HIS A 136 18.76 2.92 11.62
CA HIS A 136 18.70 2.10 10.41
C HIS A 136 19.66 2.61 9.33
N LEU A 137 19.61 3.91 9.04
CA LEU A 137 20.49 4.52 8.06
C LEU A 137 21.97 4.35 8.42
N ARG A 138 22.26 4.42 9.71
CA ARG A 138 23.62 4.22 10.21
C ARG A 138 24.10 2.80 9.98
N ASP A 139 23.24 1.84 10.27
CA ASP A 139 23.57 0.44 10.09
C ASP A 139 23.81 0.10 8.61
N ILE A 140 23.00 0.67 7.73
CA ILE A 140 23.18 0.50 6.29
C ILE A 140 24.52 1.06 5.83
N CYS A 141 24.77 2.32 6.18
CA CYS A 141 25.95 3.03 5.69
C CYS A 141 27.26 2.54 6.31
N GLU A 142 27.25 2.27 7.61
CA GLU A 142 28.44 1.79 8.32
C GLU A 142 28.60 0.29 8.17
N GLY A 143 27.49 -0.44 8.28
CA GLY A 143 27.50 -1.89 8.30
C GLY A 143 27.54 -2.56 6.94
N TYR A 144 26.92 -1.94 5.95
CA TYR A 144 26.84 -2.55 4.62
C TYR A 144 27.67 -1.84 3.57
N VAL A 145 27.38 -0.56 3.34
CA VAL A 145 28.05 0.19 2.26
C VAL A 145 29.57 0.21 2.44
N ARG A 146 30.01 0.55 3.64
CA ARG A 146 31.43 0.61 3.96
C ARG A 146 32.17 -0.68 3.61
N GLN A 147 31.58 -1.82 3.96
CA GLN A 147 32.25 -3.10 3.74
C GLN A 147 32.20 -3.49 2.26
N CYS A 148 31.06 -3.22 1.61
CA CYS A 148 30.89 -3.49 0.19
C CYS A 148 31.93 -2.73 -0.63
N ARG A 149 32.17 -1.48 -0.24
CA ARG A 149 33.04 -0.60 -1.01
C ARG A 149 34.51 -0.96 -0.84
N LYS A 150 34.82 -1.64 0.26
CA LYS A 150 36.17 -2.13 0.45
C LYS A 150 36.40 -3.36 -0.43
N ARG A 151 35.32 -3.96 -0.91
CA ARG A 151 35.42 -5.20 -1.69
C ARG A 151 35.18 -5.00 -3.18
N ALA A 152 36.09 -4.29 -3.81
CA ALA A 152 35.99 -3.98 -5.24
C ALA A 152 35.89 -5.25 -6.08
N ASP A 153 36.40 -6.36 -5.55
CA ASP A 153 36.33 -7.65 -6.24
C ASP A 153 34.92 -8.20 -6.30
N MET A 154 34.08 -7.84 -5.33
CA MET A 154 32.72 -8.33 -5.30
C MET A 154 31.70 -7.29 -5.75
N PHE A 155 32.02 -6.02 -5.53
CA PHE A 155 31.09 -4.94 -5.81
C PHE A 155 31.70 -3.85 -6.69
N SER A 156 31.15 -3.69 -7.90
CA SER A 156 31.52 -2.60 -8.76
C SER A 156 30.88 -1.33 -8.24
N GLU A 157 31.35 -0.18 -8.71
CA GLU A 157 30.76 1.10 -8.36
C GLU A 157 29.31 1.16 -8.86
N GLU A 158 29.10 0.65 -10.07
CA GLU A 158 27.79 0.54 -10.70
C GLU A 158 26.82 -0.23 -9.80
N GLN A 159 27.27 -1.38 -9.30
CA GLN A 159 26.50 -2.18 -8.38
C GLN A 159 26.15 -1.42 -7.09
N LEU A 160 27.12 -0.72 -6.54
CA LEU A 160 26.91 0.06 -5.33
C LEU A 160 25.84 1.13 -5.52
N ARG A 161 25.88 1.83 -6.65
CA ARG A 161 24.86 2.82 -6.97
C ARG A 161 23.47 2.17 -7.12
N THR A 162 23.43 1.02 -7.79
CA THR A 162 22.18 0.27 -8.00
C THR A 162 21.56 -0.22 -6.69
N ILE A 163 22.37 -0.84 -5.85
CA ILE A 163 21.88 -1.41 -4.60
C ILE A 163 21.50 -0.36 -3.55
N PHE A 164 22.41 0.57 -3.30
CA PHE A 164 22.27 1.49 -2.18
C PHE A 164 21.78 2.87 -2.58
N GLY A 165 21.83 3.17 -3.88
CA GLY A 165 21.35 4.44 -4.38
C GLY A 165 22.06 5.63 -3.76
N ASN A 166 21.29 6.67 -3.45
CA ASN A 166 21.83 7.85 -2.79
C ASN A 166 21.67 7.80 -1.27
N ILE A 167 21.64 6.59 -0.72
CA ILE A 167 21.37 6.38 0.71
C ILE A 167 22.32 7.12 1.65
N GLU A 168 23.57 7.26 1.22
CA GLU A 168 24.55 7.99 2.02
C GLU A 168 24.22 9.49 2.09
N ASP A 169 23.63 10.05 1.04
CA ASP A 169 23.23 11.47 1.05
C ASP A 169 22.03 11.67 1.98
N ILE A 170 21.11 10.72 1.91
CA ILE A 170 19.92 10.69 2.75
C ILE A 170 20.29 10.59 4.23
N TYR A 171 21.30 9.77 4.53
CA TYR A 171 21.80 9.64 5.88
C TYR A 171 22.37 10.98 6.36
N ARG A 172 23.10 11.66 5.49
CA ARG A 172 23.67 12.96 5.82
C ARG A 172 22.59 14.03 6.09
N CYS A 173 21.62 14.17 5.21
CA CYS A 173 20.55 15.15 5.41
C CYS A 173 19.71 14.79 6.63
N GLN A 174 19.49 13.51 6.84
CA GLN A 174 18.66 13.04 7.95
C GLN A 174 19.33 13.27 9.31
N LYS A 175 20.66 13.12 9.38
CA LYS A 175 21.37 13.47 10.60
C LYS A 175 21.12 14.94 10.98
N ALA A 176 21.21 15.82 10.00
CA ALA A 176 20.97 17.24 10.20
C ALA A 176 19.52 17.52 10.62
N PHE A 177 18.59 16.93 9.87
CA PHE A 177 17.16 17.08 10.11
C PHE A 177 16.75 16.72 11.54
N VAL A 178 17.23 15.57 12.03
CA VAL A 178 16.86 15.14 13.37
C VAL A 178 17.39 16.11 14.42
N LYS A 179 18.61 16.59 14.21
CA LYS A 179 19.19 17.61 15.08
C LYS A 179 18.33 18.87 15.14
N ALA A 180 17.91 19.34 13.97
CA ALA A 180 17.09 20.54 13.88
C ALA A 180 15.75 20.28 14.58
N LEU A 181 15.27 19.05 14.46
CA LEU A 181 14.01 18.61 15.02
C LEU A 181 14.05 18.62 16.54
N GLU A 182 15.11 18.04 17.10
CA GLU A 182 15.27 17.93 18.54
C GLU A 182 15.46 19.26 19.23
N GLN A 183 16.03 20.23 18.52
CA GLN A 183 16.27 21.56 19.09
C GLN A 183 14.98 22.33 19.21
N ARG A 184 13.96 21.88 18.49
CA ARG A 184 12.65 22.51 18.53
C ARG A 184 11.76 21.89 19.59
N PHE A 185 12.17 20.74 20.11
CA PHE A 185 11.42 20.02 21.14
C PHE A 185 11.41 20.77 22.47
N ASN A 186 10.21 21.06 22.97
CA ASN A 186 10.07 21.78 24.24
C ASN A 186 9.98 20.81 25.41
N ARG A 187 11.13 20.51 26.03
CA ARG A 187 11.18 19.57 27.16
C ARG A 187 10.12 19.89 28.20
N GLU A 188 10.06 21.17 28.58
CA GLU A 188 9.15 21.61 29.62
C GLU A 188 7.70 21.30 29.28
N ARG A 189 7.30 21.67 28.06
CA ARG A 189 5.92 21.50 27.60
C ARG A 189 5.92 21.02 26.15
N PRO A 190 5.99 19.70 25.94
CA PRO A 190 6.14 19.11 24.60
C PRO A 190 5.10 19.58 23.58
N HIS A 191 3.85 19.70 24.00
CA HIS A 191 2.75 20.14 23.14
C HIS A 191 3.02 21.48 22.45
N LEU A 192 3.91 22.27 23.04
CA LEU A 192 4.24 23.58 22.47
C LEU A 192 5.31 23.52 21.37
N SER A 193 6.01 22.38 21.26
CA SER A 193 7.03 22.19 20.22
C SER A 193 6.55 22.60 18.84
N GLU A 194 7.41 23.30 18.10
CA GLU A 194 7.08 23.77 16.76
C GLU A 194 7.87 23.02 15.70
N LEU A 195 7.21 22.04 15.07
CA LEU A 195 7.86 21.10 14.19
C LEU A 195 7.68 21.43 12.72
N GLY A 196 6.57 22.09 12.40
CA GLY A 196 6.22 22.39 11.01
C GLY A 196 7.28 23.12 10.20
N ALA A 197 7.77 24.24 10.72
CA ALA A 197 8.74 25.06 9.99
C ALA A 197 10.03 24.29 9.74
N CYS A 198 10.30 23.31 10.59
CA CYS A 198 11.46 22.47 10.42
C CYS A 198 11.36 21.60 9.17
N PHE A 199 10.18 21.06 8.92
CA PHE A 199 9.89 20.34 7.69
C PHE A 199 10.01 21.28 6.50
N LEU A 200 9.38 22.45 6.61
CA LEU A 200 9.44 23.46 5.54
C LEU A 200 10.88 23.79 5.14
N GLU A 201 11.74 23.96 6.15
CA GLU A 201 13.16 24.29 5.92
C GLU A 201 13.92 23.19 5.14
N HIS A 202 13.43 21.97 5.21
CA HIS A 202 14.12 20.82 4.62
C HIS A 202 13.41 20.24 3.40
N GLN A 203 12.48 21.00 2.84
CA GLN A 203 11.70 20.58 1.68
C GLN A 203 12.58 20.00 0.56
N ALA A 204 13.53 20.80 0.09
CA ALA A 204 14.39 20.41 -1.04
C ALA A 204 15.20 19.14 -0.72
N ASP A 205 15.53 18.98 0.55
CA ASP A 205 16.32 17.84 0.98
C ASP A 205 15.49 16.55 0.90
N PHE A 206 14.17 16.68 1.10
CA PHE A 206 13.27 15.56 0.95
C PHE A 206 13.05 15.18 -0.51
N GLN A 207 13.42 16.09 -1.41
CA GLN A 207 13.32 15.83 -2.86
C GLN A 207 14.27 14.72 -3.31
N ILE A 208 15.40 14.57 -2.62
CA ILE A 208 16.36 13.52 -2.94
C ILE A 208 15.82 12.11 -2.65
N TYR A 209 14.76 12.01 -1.86
CA TYR A 209 14.07 10.73 -1.67
C TYR A 209 13.48 10.24 -3.00
N SER A 210 13.14 11.18 -3.86
CA SER A 210 12.60 10.84 -5.17
C SER A 210 13.53 9.92 -5.96
N GLU A 211 14.82 10.27 -6.01
CA GLU A 211 15.82 9.48 -6.72
C GLU A 211 16.02 8.12 -6.07
N TYR A 212 16.00 8.10 -4.75
CA TYR A 212 16.17 6.85 -4.03
C TYR A 212 15.08 5.85 -4.39
N CYS A 213 13.84 6.33 -4.36
CA CYS A 213 12.68 5.48 -4.57
C CYS A 213 12.53 5.09 -6.04
N ASN A 214 12.97 5.96 -6.94
CA ASN A 214 13.04 5.63 -8.36
C ASN A 214 14.02 4.51 -8.63
N ASN A 215 15.15 4.52 -7.93
CA ASN A 215 16.17 3.49 -8.12
C ASN A 215 15.84 2.20 -7.38
N HIS A 216 14.99 2.29 -6.36
CA HIS A 216 14.72 1.15 -5.49
C HIS A 216 14.31 -0.14 -6.21
N PRO A 217 13.44 -0.05 -7.23
CA PRO A 217 13.10 -1.27 -7.98
C PRO A 217 14.32 -2.00 -8.56
N ASN A 218 15.31 -1.25 -9.02
CA ASN A 218 16.55 -1.83 -9.54
C ASN A 218 17.44 -2.42 -8.44
N ALA A 219 17.40 -1.82 -7.26
CA ALA A 219 18.14 -2.34 -6.11
C ALA A 219 17.63 -3.72 -5.78
N CYS A 220 16.30 -3.83 -5.73
CA CYS A 220 15.62 -5.09 -5.44
C CYS A 220 16.00 -6.18 -6.42
N VAL A 221 16.01 -5.83 -7.71
CA VAL A 221 16.37 -6.78 -8.75
C VAL A 221 17.79 -7.30 -8.54
N GLU A 222 18.73 -6.40 -8.30
CA GLU A 222 20.11 -6.79 -8.04
C GLU A 222 20.23 -7.61 -6.77
N LEU A 223 19.46 -7.22 -5.74
CA LEU A 223 19.46 -7.96 -4.47
C LEU A 223 18.94 -9.40 -4.62
N SER A 224 17.87 -9.58 -5.39
CA SER A 224 17.34 -10.92 -5.67
C SER A 224 18.41 -11.76 -6.35
N ARG A 225 19.04 -11.20 -7.38
CA ARG A 225 20.11 -11.88 -8.10
C ARG A 225 21.23 -12.31 -7.15
N LEU A 226 21.76 -11.37 -6.36
CA LEU A 226 22.85 -11.69 -5.44
C LEU A 226 22.39 -12.68 -4.37
N THR A 227 21.15 -12.53 -3.94
CA THR A 227 20.49 -13.45 -3.00
C THR A 227 20.70 -14.91 -3.36
N LYS A 228 20.83 -15.17 -4.66
CA LYS A 228 20.97 -16.53 -5.19
C LYS A 228 22.42 -16.98 -5.29
N LEU A 229 23.33 -16.11 -4.88
CA LEU A 229 24.76 -16.40 -4.97
C LEU A 229 25.36 -16.55 -3.58
N SER A 230 25.83 -17.75 -3.28
CA SER A 230 26.27 -18.12 -1.93
C SER A 230 27.35 -17.21 -1.35
N LYS A 231 28.33 -16.82 -2.16
CA LYS A 231 29.40 -15.95 -1.69
C LYS A 231 28.88 -14.58 -1.25
N TYR A 232 27.79 -14.14 -1.88
CA TYR A 232 27.14 -12.89 -1.47
C TYR A 232 26.28 -13.07 -0.24
N VAL A 233 25.61 -14.23 -0.14
CA VAL A 233 24.82 -14.55 1.04
C VAL A 233 25.70 -14.56 2.28
N TYR A 234 26.89 -15.15 2.18
CA TYR A 234 27.82 -15.20 3.31
C TYR A 234 28.39 -13.82 3.62
N PHE A 235 28.72 -13.07 2.56
CA PHE A 235 29.23 -11.72 2.74
C PHE A 235 28.24 -10.87 3.54
N PHE A 236 27.00 -10.84 3.10
CA PHE A 236 25.96 -10.08 3.80
C PHE A 236 25.70 -10.63 5.21
N GLU A 237 25.94 -11.92 5.40
CA GLU A 237 25.81 -12.54 6.71
C GLU A 237 26.93 -12.07 7.65
N ALA A 238 28.14 -11.95 7.10
CA ALA A 238 29.26 -11.42 7.86
C ALA A 238 29.04 -9.97 8.24
N CYS A 239 28.51 -9.17 7.29
CA CYS A 239 28.20 -7.76 7.55
C CYS A 239 27.29 -7.61 8.76
N ARG A 240 26.16 -8.31 8.69
CA ARG A 240 25.15 -8.36 9.74
C ARG A 240 25.80 -8.58 11.09
N LEU A 241 26.56 -9.67 11.18
CA LEU A 241 27.16 -10.12 12.42
C LEU A 241 28.23 -9.20 13.01
N LEU A 242 28.94 -8.47 12.15
CA LEU A 242 29.99 -7.56 12.64
C LEU A 242 29.44 -6.23 13.14
N GLN A 243 28.30 -5.83 12.58
CA GLN A 243 27.67 -4.56 12.92
C GLN A 243 26.59 -4.77 13.98
N LYS A 244 26.21 -6.03 14.20
CA LYS A 244 25.20 -6.37 15.21
C LYS A 244 23.95 -5.52 14.99
N MET A 245 23.30 -5.73 13.86
CA MET A 245 22.22 -4.85 13.44
C MET A 245 20.85 -5.32 13.91
N ILE A 246 19.86 -4.44 13.83
CA ILE A 246 18.48 -4.76 14.17
C ILE A 246 18.05 -6.03 13.43
N ASP A 247 17.13 -6.79 14.04
CA ASP A 247 16.64 -8.02 13.40
C ASP A 247 15.76 -7.74 12.19
N ILE A 248 16.41 -7.39 11.08
CA ILE A 248 15.75 -7.02 9.84
C ILE A 248 16.73 -7.37 8.71
N SER A 249 16.22 -7.90 7.60
CA SER A 249 17.05 -8.25 6.45
C SER A 249 17.53 -7.00 5.72
N LEU A 250 18.52 -7.17 4.84
CA LEU A 250 19.02 -6.04 4.05
C LEU A 250 17.97 -5.40 3.16
N ASP A 251 17.13 -6.20 2.51
CA ASP A 251 16.08 -5.60 1.69
C ASP A 251 15.02 -4.92 2.56
N GLY A 252 14.91 -5.34 3.81
CA GLY A 252 14.04 -4.68 4.76
C GLY A 252 14.62 -3.32 5.14
N PHE A 253 15.92 -3.31 5.41
CA PHE A 253 16.67 -2.09 5.65
C PHE A 253 16.49 -1.11 4.47
N LEU A 254 16.59 -1.62 3.25
CA LEU A 254 16.61 -0.77 2.07
C LEU A 254 15.23 -0.19 1.69
N LEU A 255 14.18 -0.82 2.19
CA LEU A 255 12.82 -0.29 2.04
C LEU A 255 12.56 0.85 3.02
N THR A 256 13.43 0.95 4.01
CA THR A 256 13.23 1.85 5.14
C THR A 256 13.05 3.34 4.71
N PRO A 257 13.89 3.85 3.80
CA PRO A 257 13.61 5.21 3.33
C PRO A 257 12.28 5.36 2.59
N VAL A 258 11.82 4.31 1.91
CA VAL A 258 10.55 4.38 1.21
C VAL A 258 9.37 4.42 2.19
N GLN A 259 9.45 3.65 3.27
CA GLN A 259 8.41 3.70 4.29
C GLN A 259 8.34 5.07 4.93
N LYS A 260 9.51 5.62 5.25
CA LYS A 260 9.60 6.86 6.01
C LYS A 260 9.02 8.05 5.26
N ILE A 261 9.42 8.22 4.00
CA ILE A 261 8.92 9.33 3.21
C ILE A 261 7.39 9.23 3.06
N CYS A 262 6.88 8.01 2.91
CA CYS A 262 5.45 7.83 2.71
C CYS A 262 4.67 7.91 4.03
N LYS A 263 5.40 7.85 5.14
CA LYS A 263 4.79 7.87 6.46
C LYS A 263 4.59 9.29 6.98
N TYR A 264 5.50 10.20 6.63
CA TYR A 264 5.39 11.60 7.07
C TYR A 264 4.01 12.24 6.92
N PRO A 265 3.37 12.12 5.74
CA PRO A 265 2.08 12.77 5.67
C PRO A 265 1.10 12.28 6.75
N LEU A 266 1.21 11.02 7.13
CA LEU A 266 0.34 10.45 8.16
C LEU A 266 0.65 11.02 9.54
N GLN A 267 1.93 11.18 9.83
CA GLN A 267 2.38 11.81 11.08
C GLN A 267 1.98 13.28 11.17
N LEU A 268 2.10 13.99 10.05
CA LEU A 268 1.84 15.43 10.04
C LEU A 268 0.33 15.71 10.07
N ALA A 269 -0.46 14.78 9.55
CA ALA A 269 -1.90 14.93 9.61
C ALA A 269 -2.42 14.73 11.03
N GLU A 270 -1.87 13.73 11.72
CA GLU A 270 -2.29 13.47 13.11
C GLU A 270 -1.77 14.55 14.06
N LEU A 271 -0.60 15.10 13.76
CA LEU A 271 -0.10 16.24 14.52
C LEU A 271 -1.03 17.45 14.34
N LEU A 272 -1.36 17.76 13.09
CA LEU A 272 -2.25 18.88 12.79
C LEU A 272 -3.60 18.66 13.49
N LYS A 273 -4.05 17.42 13.52
CA LYS A 273 -5.35 17.07 14.13
C LYS A 273 -5.42 17.48 15.59
N TYR A 274 -4.29 17.46 16.28
CA TYR A 274 -4.25 17.82 17.69
C TYR A 274 -3.52 19.15 17.91
N THR A 275 -3.59 20.00 16.89
CA THR A 275 -3.03 21.36 16.95
C THR A 275 -4.14 22.38 16.70
N HIS A 276 -4.37 23.31 17.64
CA HIS A 276 -5.41 24.32 17.47
C HIS A 276 -4.94 25.44 16.53
N PRO A 277 -5.85 25.94 15.66
CA PRO A 277 -5.57 26.97 14.66
C PRO A 277 -4.72 28.15 15.17
N GLN A 278 -4.74 28.38 16.47
CA GLN A 278 -4.07 29.54 17.05
C GLN A 278 -2.74 29.14 17.69
N HIS A 279 -2.41 27.85 17.58
CA HIS A 279 -1.09 27.35 17.96
C HIS A 279 -0.08 27.95 16.99
N ARG A 280 1.09 28.31 17.49
CA ARG A 280 2.15 28.87 16.65
C ARG A 280 2.57 27.93 15.51
N ASP A 281 2.39 26.63 15.72
CA ASP A 281 2.87 25.63 14.78
C ASP A 281 1.85 25.26 13.70
N PHE A 282 0.62 25.74 13.83
CA PHE A 282 -0.50 25.27 13.01
C PHE A 282 -0.36 25.46 11.49
N LYS A 283 0.01 26.67 11.08
CA LYS A 283 0.08 27.03 9.66
C LYS A 283 1.24 26.31 8.98
N ASP A 284 2.30 26.11 9.75
CA ASP A 284 3.51 25.50 9.25
C ASP A 284 3.31 24.00 9.11
N VAL A 285 2.61 23.40 10.05
CA VAL A 285 2.30 21.98 9.95
C VAL A 285 1.38 21.73 8.76
N GLU A 286 0.48 22.66 8.52
CA GLU A 286 -0.46 22.56 7.41
C GLU A 286 0.27 22.69 6.08
N ALA A 287 1.10 23.72 5.96
CA ALA A 287 1.92 23.89 4.78
C ALA A 287 2.87 22.71 4.61
N ALA A 288 3.43 22.21 5.71
CA ALA A 288 4.36 21.08 5.66
C ALA A 288 3.64 19.78 5.27
N LEU A 289 2.45 19.57 5.82
CA LEU A 289 1.63 18.45 5.40
C LEU A 289 1.41 18.43 3.88
N HIS A 290 1.05 19.58 3.31
CA HIS A 290 0.86 19.71 1.88
C HIS A 290 2.15 19.38 1.12
N ALA A 291 3.25 19.99 1.55
CA ALA A 291 4.54 19.75 0.92
C ALA A 291 4.92 18.28 0.96
N MET A 292 4.74 17.65 2.12
CA MET A 292 5.11 16.24 2.27
C MET A 292 4.14 15.29 1.56
N LYS A 293 2.87 15.69 1.47
CA LYS A 293 1.89 14.94 0.67
C LYS A 293 2.38 14.89 -0.77
N ASN A 294 2.70 16.05 -1.31
CA ASN A 294 3.20 16.19 -2.68
C ASN A 294 4.31 15.19 -3.00
N VAL A 295 5.32 15.09 -2.14
CA VAL A 295 6.44 14.21 -2.41
C VAL A 295 6.06 12.74 -2.28
N ALA A 296 5.31 12.39 -1.24
CA ALA A 296 4.94 11.00 -1.00
C ALA A 296 3.94 10.46 -2.02
N GLN A 297 3.15 11.35 -2.61
CA GLN A 297 2.13 10.94 -3.57
C GLN A 297 2.75 10.49 -4.88
N LEU A 298 3.83 11.15 -5.27
CA LEU A 298 4.58 10.77 -6.45
C LEU A 298 5.24 9.41 -6.23
N ILE A 299 5.87 9.26 -5.08
CA ILE A 299 6.54 8.00 -4.74
C ILE A 299 5.55 6.84 -4.64
N ASN A 300 4.44 7.05 -3.93
CA ASN A 300 3.46 5.98 -3.76
C ASN A 300 2.84 5.55 -5.09
N GLU A 301 2.61 6.52 -5.98
CA GLU A 301 1.99 6.23 -7.28
C GLU A 301 2.86 5.38 -8.19
N ARG A 302 4.13 5.75 -8.29
CA ARG A 302 5.07 5.00 -9.09
C ARG A 302 5.21 3.57 -8.57
N LYS A 303 5.27 3.44 -7.25
CA LYS A 303 5.31 2.13 -6.59
C LYS A 303 4.05 1.32 -6.91
N ARG A 304 2.90 2.00 -6.85
CA ARG A 304 1.61 1.40 -7.17
C ARG A 304 1.56 0.88 -8.62
N ARG A 305 1.92 1.73 -9.58
CA ARG A 305 1.92 1.31 -10.98
C ARG A 305 2.86 0.13 -11.22
N LEU A 306 4.05 0.23 -10.62
CA LEU A 306 5.08 -0.78 -10.77
C LEU A 306 4.62 -2.12 -10.19
N GLU A 307 3.94 -2.07 -9.07
CA GLU A 307 3.43 -3.27 -8.42
C GLU A 307 2.20 -3.86 -9.12
N ASN A 308 1.31 -2.98 -9.61
CA ASN A 308 0.18 -3.44 -10.41
C ASN A 308 0.64 -4.32 -11.57
N ILE A 309 1.65 -3.86 -12.29
CA ILE A 309 2.21 -4.64 -13.41
C ILE A 309 2.70 -6.02 -12.96
N ASP A 310 3.33 -6.08 -11.79
CA ASP A 310 3.87 -7.33 -11.28
C ASP A 310 2.80 -8.29 -10.74
N LYS A 311 1.88 -7.78 -9.93
CA LYS A 311 0.76 -8.58 -9.42
C LYS A 311 0.00 -9.21 -10.56
N ILE A 312 -0.27 -8.41 -11.59
CA ILE A 312 -1.01 -8.86 -12.76
C ILE A 312 -0.33 -10.04 -13.47
N ALA A 313 0.96 -9.86 -13.81
CA ALA A 313 1.73 -10.91 -14.44
C ALA A 313 1.79 -12.15 -13.56
N GLN A 314 1.98 -11.92 -12.26
CA GLN A 314 2.05 -12.99 -11.27
C GLN A 314 0.70 -13.68 -11.08
N TRP A 315 -0.36 -12.89 -10.98
CA TRP A 315 -1.71 -13.43 -10.85
C TRP A 315 -2.04 -14.30 -12.05
N GLN A 316 -1.85 -13.74 -13.25
CA GLN A 316 -2.17 -14.47 -14.47
C GLN A 316 -1.50 -15.84 -14.52
N SER A 317 -0.19 -15.89 -14.27
CA SER A 317 0.57 -17.13 -14.35
C SER A 317 0.14 -18.13 -13.28
N SER A 318 -0.62 -17.64 -12.30
CA SER A 318 -1.09 -18.46 -11.20
C SER A 318 -2.44 -19.11 -11.51
N ILE A 319 -3.13 -18.58 -12.51
CA ILE A 319 -4.47 -19.03 -12.87
C ILE A 319 -4.41 -20.30 -13.74
N GLU A 320 -5.34 -21.22 -13.51
CA GLU A 320 -5.40 -22.45 -14.28
C GLU A 320 -6.11 -22.27 -15.61
N ASP A 321 -5.68 -23.04 -16.61
CA ASP A 321 -6.34 -23.06 -17.92
C ASP A 321 -6.51 -21.69 -18.55
N TRP A 322 -5.47 -20.85 -18.46
CA TRP A 322 -5.54 -19.53 -19.09
C TRP A 322 -5.74 -19.66 -20.58
N GLU A 323 -6.64 -18.84 -21.12
CA GLU A 323 -6.84 -18.73 -22.55
C GLU A 323 -6.99 -17.26 -22.91
N GLY A 324 -6.65 -16.92 -24.15
CA GLY A 324 -7.08 -15.67 -24.74
C GLY A 324 -6.17 -14.45 -24.70
N GLU A 325 -4.89 -14.62 -24.37
CA GLU A 325 -3.98 -13.48 -24.43
C GLU A 325 -3.38 -13.14 -23.06
N ASP A 326 -2.59 -12.08 -22.98
CA ASP A 326 -2.04 -11.62 -21.71
C ASP A 326 -2.72 -10.34 -21.25
N LEU A 327 -3.06 -10.28 -19.96
CA LEU A 327 -3.72 -9.11 -19.39
C LEU A 327 -2.99 -7.83 -19.75
N LEU A 328 -1.66 -7.91 -19.69
CA LEU A 328 -0.79 -6.74 -19.83
C LEU A 328 -0.71 -6.17 -21.25
N VAL A 329 -1.26 -6.89 -22.22
CA VAL A 329 -1.40 -6.33 -23.56
C VAL A 329 -2.34 -5.12 -23.51
N ARG A 330 -3.43 -5.26 -22.77
CA ARG A 330 -4.43 -4.21 -22.75
C ARG A 330 -4.58 -3.50 -21.40
N SER A 331 -4.10 -4.14 -20.33
CA SER A 331 -4.35 -3.65 -18.97
C SER A 331 -3.09 -3.29 -18.20
N SER A 332 -3.24 -2.40 -17.22
CA SER A 332 -2.12 -1.99 -16.38
C SER A 332 -2.50 -1.90 -14.91
N GLU A 333 -3.79 -2.05 -14.60
CA GLU A 333 -4.20 -2.09 -13.21
C GLU A 333 -5.52 -2.80 -12.91
N LEU A 334 -5.61 -3.33 -11.70
CA LEU A 334 -6.85 -3.94 -11.20
C LEU A 334 -7.72 -2.85 -10.62
N ILE A 335 -8.94 -2.73 -11.13
CA ILE A 335 -9.86 -1.71 -10.65
C ILE A 335 -10.60 -2.22 -9.44
N TYR A 336 -11.06 -3.46 -9.52
CA TYR A 336 -11.89 -4.06 -8.50
C TYR A 336 -12.02 -5.55 -8.75
N SER A 337 -12.31 -6.30 -7.70
CA SER A 337 -12.53 -7.73 -7.82
C SER A 337 -13.53 -8.15 -6.75
N GLY A 338 -14.08 -9.35 -6.89
CA GLY A 338 -15.09 -9.84 -5.96
C GLY A 338 -15.93 -10.89 -6.65
N GLU A 339 -16.70 -11.63 -5.86
CA GLU A 339 -17.55 -12.69 -6.40
C GLU A 339 -18.80 -12.09 -7.06
N LEU A 340 -19.16 -12.67 -8.19
CA LEU A 340 -20.37 -12.27 -8.90
C LEU A 340 -21.01 -13.50 -9.48
N THR A 341 -22.33 -13.53 -9.46
CA THR A 341 -23.07 -14.55 -10.19
C THR A 341 -23.26 -14.09 -11.62
N ARG A 342 -22.79 -14.89 -12.56
CA ARG A 342 -23.11 -14.68 -13.96
C ARG A 342 -24.15 -15.73 -14.34
N VAL A 343 -25.07 -15.37 -15.23
CA VAL A 343 -25.98 -16.37 -15.77
C VAL A 343 -25.76 -16.59 -17.26
N THR A 344 -25.74 -17.86 -17.64
CA THR A 344 -25.48 -18.29 -19.02
C THR A 344 -26.56 -17.81 -19.97
N GLN A 345 -26.16 -17.51 -21.20
CA GLN A 345 -27.07 -16.97 -22.21
C GLN A 345 -27.53 -18.03 -23.22
N PRO A 346 -26.58 -18.81 -23.77
CA PRO A 346 -27.07 -19.94 -24.55
C PRO A 346 -28.28 -20.48 -23.80
N GLN A 347 -28.12 -20.68 -22.50
CA GLN A 347 -29.24 -20.73 -21.55
C GLN A 347 -29.20 -21.93 -20.61
N ALA A 348 -29.29 -21.67 -19.30
CA ALA A 348 -29.24 -20.31 -18.73
C ALA A 348 -29.13 -20.39 -17.22
N LYS A 349 -27.98 -20.82 -16.71
CA LYS A 349 -27.88 -21.07 -15.28
C LYS A 349 -26.88 -20.19 -14.54
N SER A 350 -27.02 -20.17 -13.22
CA SER A 350 -26.21 -19.35 -12.35
C SER A 350 -24.86 -19.99 -12.08
N GLN A 351 -23.80 -19.23 -12.34
CA GLN A 351 -22.46 -19.63 -11.97
C GLN A 351 -21.90 -18.56 -11.04
N GLN A 352 -21.53 -18.96 -9.83
CA GLN A 352 -20.85 -18.06 -8.93
C GLN A 352 -19.39 -18.04 -9.36
N ARG A 353 -18.93 -16.89 -9.83
CA ARG A 353 -17.57 -16.76 -10.33
C ARG A 353 -16.85 -15.60 -9.66
N MET A 354 -15.54 -15.75 -9.54
CA MET A 354 -14.69 -14.66 -9.11
C MET A 354 -14.42 -13.76 -10.31
N PHE A 355 -14.77 -12.48 -10.17
CA PHE A 355 -14.65 -11.52 -11.27
C PHE A 355 -13.53 -10.51 -10.98
N PHE A 356 -12.81 -10.14 -12.04
CA PHE A 356 -11.66 -9.28 -11.91
C PHE A 356 -11.69 -8.20 -12.97
N LEU A 357 -11.97 -6.97 -12.53
CA LEU A 357 -12.11 -5.84 -13.42
C LEU A 357 -10.79 -5.09 -13.55
N PHE A 358 -10.25 -5.06 -14.75
CA PHE A 358 -9.05 -4.29 -15.02
C PHE A 358 -9.44 -3.11 -15.88
N ASP A 359 -8.53 -2.17 -16.12
CA ASP A 359 -8.81 -1.21 -17.17
C ASP A 359 -8.98 -2.00 -18.46
N HIS A 360 -10.11 -1.78 -19.13
CA HIS A 360 -10.40 -2.36 -20.47
C HIS A 360 -10.97 -3.78 -20.50
N GLN A 361 -10.89 -4.53 -19.42
CA GLN A 361 -11.38 -5.93 -19.44
C GLN A 361 -11.78 -6.52 -18.09
N LEU A 362 -12.73 -7.44 -18.17
CA LEU A 362 -13.30 -8.09 -17.00
C LEU A 362 -13.17 -9.61 -17.14
N ILE A 363 -12.32 -10.20 -16.30
CA ILE A 363 -12.09 -11.63 -16.32
C ILE A 363 -12.97 -12.32 -15.27
N TYR A 364 -13.43 -13.52 -15.58
CA TYR A 364 -14.07 -14.36 -14.57
C TYR A 364 -13.41 -15.74 -14.45
N CYS A 365 -13.32 -16.22 -13.21
CA CYS A 365 -12.64 -17.48 -12.87
C CYS A 365 -13.48 -18.30 -11.91
N LYS A 366 -13.26 -19.61 -11.88
CA LYS A 366 -13.95 -20.50 -10.94
C LYS A 366 -12.98 -21.07 -9.88
N LYS A 367 -13.42 -21.14 -8.63
CA LYS A 367 -12.58 -21.69 -7.57
C LYS A 367 -12.60 -23.22 -7.51
N ASP A 368 -11.42 -23.81 -7.33
CA ASP A 368 -11.25 -25.27 -7.26
C ASP A 368 -12.08 -25.92 -6.16
N LEU A 369 -12.45 -27.19 -6.37
CA LEU A 369 -13.27 -27.96 -5.44
C LEU A 369 -12.91 -27.70 -3.97
N LEU A 370 -11.71 -28.10 -3.56
CA LEU A 370 -11.27 -27.91 -2.18
C LEU A 370 -9.86 -27.31 -2.08
N ARG A 371 -9.54 -26.44 -3.03
CA ARG A 371 -8.37 -25.57 -2.93
C ARG A 371 -8.86 -24.16 -3.20
N ARG A 372 -9.41 -23.53 -2.17
CA ARG A 372 -10.09 -22.25 -2.34
C ARG A 372 -9.18 -21.15 -2.88
N ASP A 373 -7.88 -21.43 -2.97
CA ASP A 373 -6.94 -20.44 -3.49
C ASP A 373 -6.51 -20.69 -4.94
N VAL A 374 -6.95 -21.80 -5.52
CA VAL A 374 -6.74 -22.02 -6.96
C VAL A 374 -7.99 -21.72 -7.78
N LEU A 375 -7.80 -20.94 -8.83
CA LEU A 375 -8.89 -20.54 -9.72
C LEU A 375 -8.59 -21.02 -11.13
N TYR A 376 -9.66 -21.21 -11.91
CA TYR A 376 -9.56 -21.63 -13.31
C TYR A 376 -10.17 -20.57 -14.20
N TYR A 377 -9.41 -20.13 -15.19
CA TYR A 377 -9.89 -19.18 -16.19
C TYR A 377 -11.16 -19.69 -16.84
N LYS A 378 -12.19 -18.85 -16.90
CA LYS A 378 -13.44 -19.24 -17.54
C LYS A 378 -13.79 -18.37 -18.75
N GLY A 379 -13.30 -17.14 -18.75
CA GLY A 379 -13.54 -16.23 -19.86
C GLY A 379 -13.25 -14.80 -19.47
N ARG A 380 -13.54 -13.86 -20.37
CA ARG A 380 -13.36 -12.44 -20.10
C ARG A 380 -14.29 -11.60 -20.98
N LEU A 381 -14.44 -10.34 -20.63
CA LEU A 381 -15.18 -9.40 -21.50
C LEU A 381 -14.37 -8.13 -21.73
N ASP A 382 -14.60 -7.52 -22.89
CA ASP A 382 -13.91 -6.31 -23.30
C ASP A 382 -14.75 -5.12 -22.88
N MET A 383 -14.25 -4.32 -21.93
CA MET A 383 -15.03 -3.23 -21.37
C MET A 383 -15.25 -2.09 -22.35
N ASP A 384 -14.41 -2.01 -23.35
CA ASP A 384 -14.49 -0.93 -24.33
C ASP A 384 -15.83 -0.90 -25.08
N GLY A 385 -16.34 -2.06 -25.47
CA GLY A 385 -17.67 -2.11 -26.07
C GLY A 385 -18.80 -1.94 -25.07
N LEU A 386 -18.49 -2.15 -23.79
CA LEU A 386 -19.51 -2.35 -22.76
C LEU A 386 -19.97 -1.11 -21.97
N GLU A 387 -21.17 -1.20 -21.42
CA GLU A 387 -21.74 -0.12 -20.60
C GLU A 387 -22.73 -0.69 -19.57
N VAL A 388 -22.82 -0.05 -18.41
CA VAL A 388 -23.58 -0.59 -17.29
C VAL A 388 -25.08 -0.24 -17.32
N VAL A 389 -25.91 -1.25 -17.08
CA VAL A 389 -27.35 -1.06 -16.97
C VAL A 389 -27.85 -1.46 -15.58
N ASP A 390 -28.16 -0.45 -14.76
CA ASP A 390 -28.69 -0.65 -13.41
C ASP A 390 -30.09 -1.26 -13.45
N LEU A 391 -30.21 -2.53 -13.08
CA LEU A 391 -31.49 -3.24 -13.16
C LEU A 391 -32.14 -3.43 -11.79
N GLU A 392 -33.22 -2.69 -11.57
CA GLU A 392 -34.02 -2.82 -10.35
C GLU A 392 -34.66 -4.21 -10.28
N ASP A 393 -35.08 -4.62 -9.09
CA ASP A 393 -35.58 -5.97 -8.85
C ASP A 393 -36.91 -6.32 -9.52
N GLY A 394 -37.16 -7.62 -9.63
CA GLY A 394 -38.38 -8.14 -10.24
C GLY A 394 -38.11 -9.51 -10.85
N LYS A 395 -38.98 -9.92 -11.77
CA LYS A 395 -38.71 -11.11 -12.57
C LYS A 395 -37.55 -10.81 -13.48
N ASP A 396 -36.99 -11.83 -14.11
CA ASP A 396 -35.82 -11.65 -14.97
C ASP A 396 -36.10 -10.79 -16.19
N ARG A 397 -36.28 -11.44 -17.33
CA ARG A 397 -36.37 -10.74 -18.59
C ARG A 397 -35.10 -11.01 -19.38
N ASP A 398 -35.25 -11.29 -20.66
CA ASP A 398 -34.13 -11.75 -21.46
C ASP A 398 -33.75 -13.14 -21.03
N LEU A 399 -34.63 -14.10 -21.29
CA LEU A 399 -34.35 -15.50 -21.02
C LEU A 399 -35.15 -16.16 -19.91
N HIS A 400 -35.19 -15.52 -18.74
CA HIS A 400 -35.81 -16.13 -17.58
C HIS A 400 -36.35 -15.18 -16.52
N VAL A 401 -36.08 -15.51 -15.25
CA VAL A 401 -36.74 -14.83 -14.13
C VAL A 401 -35.92 -14.46 -12.91
N SER A 402 -35.78 -15.41 -11.96
CA SER A 402 -35.21 -15.13 -10.64
C SER A 402 -33.88 -14.38 -10.61
N ILE A 403 -33.95 -13.09 -10.30
CA ILE A 403 -32.75 -12.25 -10.21
C ILE A 403 -32.93 -11.07 -9.25
N LYS A 404 -31.88 -10.75 -8.50
CA LYS A 404 -31.96 -9.70 -7.47
C LYS A 404 -31.00 -8.54 -7.64
N ASN A 405 -29.95 -8.51 -6.82
CA ASN A 405 -28.95 -7.45 -6.87
C ASN A 405 -28.24 -7.44 -8.23
N ALA A 406 -29.02 -7.22 -9.29
CA ALA A 406 -28.58 -7.48 -10.65
C ALA A 406 -28.36 -6.23 -11.52
N PHE A 407 -27.60 -6.43 -12.59
CA PHE A 407 -27.34 -5.40 -13.58
C PHE A 407 -26.80 -6.08 -14.85
N ARG A 408 -26.88 -5.40 -15.99
CA ARG A 408 -26.36 -5.96 -17.23
C ARG A 408 -25.25 -5.12 -17.84
N LEU A 409 -24.23 -5.79 -18.36
CA LEU A 409 -23.21 -5.13 -19.16
C LEU A 409 -23.69 -5.15 -20.60
N HIS A 410 -24.28 -4.03 -21.02
CA HIS A 410 -24.82 -3.93 -22.37
C HIS A 410 -23.77 -3.40 -23.34
N ARG A 411 -23.69 -4.04 -24.51
CA ARG A 411 -22.81 -3.57 -25.57
C ARG A 411 -23.21 -2.18 -26.08
N GLY A 412 -23.89 -2.15 -27.23
CA GLY A 412 -24.27 -0.89 -27.84
C GLY A 412 -23.93 -0.88 -29.32
N ALA A 413 -22.68 -1.19 -29.64
CA ALA A 413 -22.26 -1.36 -31.03
C ALA A 413 -23.00 -2.56 -31.61
N THR A 414 -22.70 -3.74 -31.07
CA THR A 414 -23.46 -4.93 -31.42
C THR A 414 -24.78 -4.87 -30.65
N GLY A 415 -25.12 -5.97 -29.96
CA GLY A 415 -26.33 -5.99 -29.14
C GLY A 415 -26.25 -6.96 -27.99
N ASP A 416 -25.05 -7.49 -27.73
CA ASP A 416 -24.84 -8.47 -26.68
C ASP A 416 -25.11 -7.88 -25.31
N SER A 417 -25.43 -8.75 -24.35
CA SER A 417 -25.71 -8.33 -22.99
C SER A 417 -25.43 -9.48 -22.02
N HIS A 418 -24.95 -9.13 -20.83
CA HIS A 418 -24.49 -10.14 -19.87
C HIS A 418 -25.07 -9.91 -18.48
N LEU A 419 -25.91 -10.85 -18.03
CA LEU A 419 -26.56 -10.72 -16.73
C LEU A 419 -25.60 -11.07 -15.59
N LEU A 420 -25.58 -10.21 -14.57
CA LEU A 420 -24.72 -10.38 -13.40
C LEU A 420 -25.46 -9.92 -12.14
N CYS A 421 -25.09 -10.48 -10.99
CA CYS A 421 -25.70 -10.08 -9.71
C CYS A 421 -24.91 -10.53 -8.49
N THR A 422 -25.14 -9.86 -7.36
CA THR A 422 -24.43 -10.14 -6.11
C THR A 422 -25.36 -10.69 -5.02
N ARG A 423 -24.78 -11.04 -3.88
CA ARG A 423 -25.52 -11.60 -2.76
C ARG A 423 -26.22 -10.53 -1.92
N LYS A 424 -25.53 -9.43 -1.64
CA LYS A 424 -26.12 -8.34 -0.84
C LYS A 424 -25.93 -6.95 -1.47
N PRO A 425 -26.90 -6.04 -1.21
CA PRO A 425 -27.05 -4.71 -1.85
C PRO A 425 -25.80 -3.82 -1.84
N GLU A 426 -25.07 -3.79 -0.73
CA GLU A 426 -23.84 -2.99 -0.70
C GLU A 426 -22.87 -3.45 -1.78
N GLN A 427 -22.94 -4.73 -2.14
CA GLN A 427 -22.06 -5.30 -3.16
C GLN A 427 -22.37 -4.77 -4.57
N LYS A 428 -23.65 -4.67 -4.90
CA LYS A 428 -24.05 -4.15 -6.21
C LYS A 428 -23.60 -2.69 -6.38
N GLN A 429 -23.75 -1.91 -5.32
CA GLN A 429 -23.37 -0.49 -5.35
C GLN A 429 -21.87 -0.31 -5.55
N ARG A 430 -21.08 -1.18 -4.93
CA ARG A 430 -19.63 -1.14 -5.06
C ARG A 430 -19.17 -1.57 -6.46
N TRP A 431 -19.91 -2.48 -7.07
CA TRP A 431 -19.62 -2.87 -8.45
C TRP A 431 -19.98 -1.73 -9.40
N LEU A 432 -21.15 -1.14 -9.20
CA LEU A 432 -21.55 0.01 -10.00
C LEU A 432 -20.54 1.16 -9.86
N LYS A 433 -20.04 1.35 -8.65
CA LYS A 433 -18.93 2.30 -8.44
C LYS A 433 -17.68 1.90 -9.21
N ALA A 434 -17.31 0.62 -9.13
CA ALA A 434 -16.11 0.11 -9.79
C ALA A 434 -16.15 0.26 -11.31
N PHE A 435 -17.30 -0.06 -11.91
CA PHE A 435 -17.48 0.09 -13.36
C PHE A 435 -17.39 1.55 -13.76
N ALA A 436 -17.93 2.43 -12.94
CA ALA A 436 -17.85 3.87 -13.18
C ALA A 436 -16.42 4.36 -13.01
N ARG A 437 -15.65 3.67 -12.17
CA ARG A 437 -14.27 4.06 -11.92
C ARG A 437 -13.35 3.62 -13.05
N GLU A 438 -13.70 2.53 -13.74
CA GLU A 438 -12.81 2.01 -14.78
C GLU A 438 -12.96 2.77 -16.10
N ARG A 439 -14.15 3.31 -16.34
CA ARG A 439 -14.39 4.11 -17.53
C ARG A 439 -13.68 5.46 -17.39
N GLU A 440 -13.64 5.97 -16.16
CA GLU A 440 -13.00 7.24 -15.86
C GLU A 440 -11.46 7.18 -15.86
N GLN A 441 -10.91 6.00 -15.59
CA GLN A 441 -9.46 5.79 -15.74
C GLN A 441 -9.11 5.64 -17.21
N VAL A 442 -9.96 4.95 -17.94
CA VAL A 442 -9.76 4.68 -19.37
C VAL A 442 -9.83 5.94 -20.22
N GLN A 443 -10.67 6.89 -19.82
CA GLN A 443 -10.88 8.11 -20.62
C GLN A 443 -9.56 8.85 -20.87
N LEU A 444 -8.95 9.37 -19.82
CA LEU A 444 -7.63 9.98 -19.93
C LEU A 444 -6.60 9.19 -19.12
N ASP A 445 -6.32 7.98 -19.58
CA ASP A 445 -5.36 7.10 -18.94
C ASP A 445 -3.92 7.58 -19.10
#